data_4MTI
#
_entry.id   4MTI
#
_cell.length_a   31.137
_cell.length_b   68.476
_cell.length_c   122.373
_cell.angle_alpha   90.00
_cell.angle_beta   90.00
_cell.angle_gamma   90.00
#
_symmetry.space_group_name_H-M   'P 21 21 21'
#
loop_
_entity.id
_entity.type
_entity.pdbx_description
1 polymer 'Baculoviral IAP repeat-containing protein 2'
2 non-polymer 'ZINC ION'
3 non-polymer (3S,8aR)-2-[(2S)-2-cyclohexyl-2-{[(2S)-2-(methylamino)butanoyl]amino}acetyl]-N-[(4R)-3,4-dihydro-2H-chromen-4-yl]octahydropyrrolo[1,2-a]pyrazine-3-carboxamide
4 water water
#
_entity_poly.entity_id   1
_entity_poly.type   'polypeptide(L)'
_entity_poly.pdbx_seq_one_letter_code
;MGSSHHHHHHSSGENLYFQGGSSISNLSMQTHAARMRTFMYWPSSVPVQPEQLASAGFYYVGRNDDVKCFCCDGGLRCWE
SGDDPWVEHAKWFPRCEFLIRMKGQEFVDEIQGRY
;
_entity_poly.pdbx_strand_id   A,B
#
loop_
_chem_comp.id
_chem_comp.type
_chem_comp.name
_chem_comp.formula
2DX non-polymer (3S,8aR)-2-[(2S)-2-cyclohexyl-2-{[(2S)-2-(methylamino)butanoyl]amino}acetyl]-N-[(4R)-3,4-dihydro-2H-chromen-4-yl]octahydropyrrolo[1,2-a]pyrazine-3-carboxamide 'C30 H45 N5 O4'
ZN non-polymer 'ZINC ION' 'Zn 2'
#
# COMPACT_ATOMS: atom_id res chain seq x y z
N SER A 22 17.29 -11.59 -3.67
CA SER A 22 18.00 -11.51 -2.34
C SER A 22 18.20 -10.06 -1.93
N SER A 23 18.82 -9.25 -2.79
CA SER A 23 18.94 -7.81 -2.50
C SER A 23 17.64 -7.02 -2.87
N ILE A 24 16.71 -7.68 -3.55
CA ILE A 24 15.40 -7.11 -3.88
C ILE A 24 14.63 -6.80 -2.61
N SER A 25 14.05 -5.61 -2.50
CA SER A 25 13.30 -5.20 -1.29
C SER A 25 11.97 -5.90 -1.10
N ASN A 26 11.19 -6.01 -2.16
CA ASN A 26 9.90 -6.66 -2.04
C ASN A 26 9.78 -7.73 -3.11
N LEU A 27 10.13 -8.96 -2.74
CA LEU A 27 10.08 -10.08 -3.68
C LEU A 27 8.68 -10.32 -4.26
N SER A 28 7.64 -10.08 -3.49
CA SER A 28 6.29 -10.38 -3.97
C SER A 28 5.84 -9.39 -5.05
N MET A 29 6.67 -8.38 -5.34
CA MET A 29 6.37 -7.33 -6.30
C MET A 29 7.32 -7.34 -7.51
N GLN A 30 8.08 -8.42 -7.73
CA GLN A 30 9.03 -8.45 -8.86
C GLN A 30 8.37 -8.59 -10.24
N THR A 31 7.13 -9.05 -10.30
CA THR A 31 6.45 -9.17 -11.59
C THR A 31 5.63 -7.93 -11.86
N HIS A 32 5.57 -7.57 -13.14
CA HIS A 32 4.74 -6.45 -13.60
C HIS A 32 3.30 -6.68 -13.26
N ALA A 33 2.84 -7.92 -13.39
CA ALA A 33 1.44 -8.27 -13.09
C ALA A 33 1.13 -8.02 -11.62
N ALA A 34 2.02 -8.45 -10.74
CA ALA A 34 1.81 -8.25 -9.29
C ALA A 34 1.77 -6.76 -8.95
N ARG A 35 2.64 -5.99 -9.60
CA ARG A 35 2.66 -4.55 -9.35
C ARG A 35 1.36 -3.90 -9.83
N MET A 36 0.84 -4.32 -10.98
CA MET A 36 -0.41 -3.76 -11.51
C MET A 36 -1.62 -4.00 -10.58
N ARG A 37 -1.68 -5.19 -9.98
CA ARG A 37 -2.74 -5.51 -9.02
C ARG A 37 -2.82 -4.54 -7.84
N THR A 38 -1.70 -3.92 -7.43
CA THR A 38 -1.71 -2.97 -6.30
C THR A 38 -2.45 -1.66 -6.60
N PHE A 39 -2.68 -1.37 -7.89
CA PHE A 39 -3.32 -0.12 -8.30
C PHE A 39 -4.85 -0.16 -8.36
N MET A 40 -5.46 -1.23 -7.82
CA MET A 40 -6.92 -1.34 -7.73
C MET A 40 -7.54 -0.09 -7.06
N TYR A 41 -6.89 0.43 -6.02
CA TYR A 41 -7.42 1.60 -5.28
C TYR A 41 -6.68 2.91 -5.63
N TRP A 42 -5.90 2.91 -6.70
CA TRP A 42 -5.23 4.13 -7.20
C TRP A 42 -6.24 5.19 -7.52
N PRO A 43 -6.11 6.39 -6.92
CA PRO A 43 -7.10 7.41 -7.29
C PRO A 43 -6.99 7.79 -8.77
N SER A 44 -8.13 7.77 -9.45
CA SER A 44 -8.18 8.07 -10.87
C SER A 44 -7.93 9.56 -11.17
N SER A 45 -8.07 10.41 -10.17
CA SER A 45 -7.66 11.82 -10.28
C SER A 45 -6.17 12.04 -10.55
N VAL A 46 -5.31 11.10 -10.15
CA VAL A 46 -3.88 11.28 -10.35
C VAL A 46 -3.51 11.15 -11.84
N PRO A 47 -2.74 12.13 -12.37
CA PRO A 47 -2.48 12.13 -13.81
C PRO A 47 -1.60 11.01 -14.36
N VAL A 48 -0.72 10.44 -13.55
CA VAL A 48 0.17 9.35 -13.98
C VAL A 48 -0.51 7.99 -13.80
N GLN A 49 -0.46 7.17 -14.87
CA GLN A 49 -1.21 5.90 -14.90
C GLN A 49 -0.43 4.74 -14.31
N PRO A 50 -1.13 3.75 -13.71
CA PRO A 50 -0.55 2.50 -13.21
C PRO A 50 0.42 1.78 -14.17
N GLU A 51 0.04 1.66 -15.44
CA GLU A 51 0.92 1.04 -16.45
C GLU A 51 2.31 1.72 -16.47
N GLN A 52 2.36 3.05 -16.41
CA GLN A 52 3.65 3.75 -16.47
C GLN A 52 4.48 3.50 -15.23
N LEU A 53 3.79 3.47 -14.09
CA LEU A 53 4.41 3.25 -12.81
C LEU A 53 4.89 1.82 -12.68
N ALA A 54 4.00 0.86 -12.92
CA ALA A 54 4.33 -0.56 -12.81
C ALA A 54 5.51 -0.94 -13.76
N SER A 55 5.54 -0.37 -14.95
CA SER A 55 6.65 -0.63 -15.89
C SER A 55 7.99 -0.17 -15.33
N ALA A 56 7.99 0.89 -14.54
CA ALA A 56 9.22 1.48 -14.03
C ALA A 56 9.59 0.92 -12.64
N GLY A 57 8.97 -0.20 -12.26
CA GLY A 57 9.29 -0.89 -11.02
C GLY A 57 8.46 -0.54 -9.80
N PHE A 58 7.52 0.39 -9.95
CA PHE A 58 6.78 0.94 -8.85
C PHE A 58 5.45 0.21 -8.55
N TYR A 59 5.11 0.06 -7.28
CA TYR A 59 3.79 -0.42 -6.87
C TYR A 59 3.17 0.53 -5.83
N TYR A 60 1.84 0.54 -5.76
CA TYR A 60 1.10 1.41 -4.85
C TYR A 60 1.08 0.83 -3.46
N VAL A 61 1.40 1.65 -2.46
CA VAL A 61 1.44 1.18 -1.06
C VAL A 61 0.17 1.51 -0.26
N GLY A 62 -0.86 2.00 -0.94
CA GLY A 62 -2.17 2.14 -0.33
C GLY A 62 -2.43 3.40 0.49
N ARG A 63 -1.59 4.42 0.31
CA ARG A 63 -1.76 5.73 0.94
C ARG A 63 -1.53 6.81 -0.13
N ASN A 64 -2.51 7.72 -0.26
CA ASN A 64 -2.36 8.92 -1.08
C ASN A 64 -1.98 8.52 -2.51
N ASP A 65 -0.96 9.13 -3.11
CA ASP A 65 -0.39 8.61 -4.37
C ASP A 65 1.04 8.05 -4.18
N ASP A 66 1.26 7.41 -3.05
CA ASP A 66 2.60 6.95 -2.66
C ASP A 66 2.95 5.62 -3.32
N VAL A 67 4.10 5.59 -3.98
CA VAL A 67 4.60 4.34 -4.58
C VAL A 67 6.04 4.05 -4.15
N LYS A 68 6.41 2.78 -4.22
CA LYS A 68 7.76 2.30 -3.94
C LYS A 68 8.24 1.36 -5.05
N CYS A 69 9.57 1.32 -5.24
CA CYS A 69 10.21 0.37 -6.12
C CYS A 69 10.43 -0.95 -5.39
N PHE A 70 10.10 -2.05 -6.08
CA PHE A 70 10.15 -3.40 -5.54
C PHE A 70 11.62 -3.80 -5.29
N CYS A 71 12.53 -3.17 -6.05
CA CYS A 71 13.94 -3.51 -6.01
C CYS A 71 14.68 -2.69 -4.96
N CYS A 72 14.64 -1.36 -5.09
CA CYS A 72 15.50 -0.46 -4.31
C CYS A 72 14.79 0.18 -3.09
N ASP A 73 13.47 0.06 -3.05
CA ASP A 73 12.60 0.55 -1.97
C ASP A 73 12.43 2.08 -2.00
N GLY A 74 12.85 2.71 -3.08
CA GLY A 74 12.71 4.15 -3.24
C GLY A 74 11.25 4.53 -3.35
N GLY A 75 10.85 5.52 -2.56
CA GLY A 75 9.46 5.95 -2.52
C GLY A 75 9.24 7.28 -3.18
N LEU A 76 8.19 7.37 -3.99
CA LEU A 76 7.83 8.62 -4.69
C LEU A 76 6.35 8.96 -4.52
N ARG A 77 6.05 10.26 -4.54
CA ARG A 77 4.69 10.78 -4.35
C ARG A 77 4.50 12.12 -5.05
N CYS A 78 3.25 12.59 -5.04
CA CYS A 78 2.88 13.90 -5.60
C CYS A 78 3.10 13.95 -7.12
N TRP A 79 2.52 12.97 -7.81
CA TRP A 79 2.66 12.85 -9.25
C TRP A 79 1.87 13.92 -9.97
N GLU A 80 2.53 14.61 -10.89
CA GLU A 80 1.92 15.67 -11.69
C GLU A 80 2.00 15.31 -13.17
N SER A 81 1.12 15.90 -13.99
CA SER A 81 1.07 15.52 -15.41
C SER A 81 2.39 15.85 -16.11
N GLY A 82 2.84 14.93 -16.96
CA GLY A 82 4.14 15.04 -17.60
C GLY A 82 5.26 14.41 -16.78
N ASP A 83 4.98 13.92 -15.58
CA ASP A 83 6.03 13.24 -14.79
C ASP A 83 6.32 11.87 -15.41
N ASP A 84 7.60 11.57 -15.62
CA ASP A 84 8.05 10.32 -16.24
C ASP A 84 8.65 9.47 -15.12
N PRO A 85 7.97 8.37 -14.75
CA PRO A 85 8.46 7.54 -13.66
C PRO A 85 9.91 7.04 -13.85
N TRP A 86 10.30 6.76 -15.10
CA TRP A 86 11.67 6.31 -15.39
C TRP A 86 12.65 7.38 -15.06
N VAL A 87 12.33 8.62 -15.42
CA VAL A 87 13.23 9.74 -15.19
C VAL A 87 13.31 10.00 -13.68
N GLU A 88 12.17 9.97 -13.00
CA GLU A 88 12.16 10.15 -11.54
C GLU A 88 12.98 9.06 -10.82
N HIS A 89 12.88 7.82 -11.30
CA HIS A 89 13.66 6.70 -10.77
C HIS A 89 15.15 6.94 -10.81
N ALA A 90 15.64 7.45 -11.95
CA ALA A 90 17.04 7.75 -12.16
C ALA A 90 17.52 8.98 -11.39
N LYS A 91 16.66 9.98 -11.29
CA LYS A 91 16.94 11.23 -10.57
C LYS A 91 17.19 11.00 -9.07
N TRP A 92 16.32 10.21 -8.42
CA TRP A 92 16.40 10.04 -6.97
C TRP A 92 17.07 8.78 -6.50
N PHE A 93 16.97 7.70 -7.27
CA PHE A 93 17.49 6.39 -6.86
C PHE A 93 18.39 5.76 -7.90
N PRO A 94 19.49 6.47 -8.27
CA PRO A 94 20.31 6.04 -9.40
C PRO A 94 21.02 4.69 -9.28
N ARG A 95 21.24 4.18 -8.07
CA ARG A 95 21.97 2.92 -7.92
C ARG A 95 21.04 1.71 -7.80
N CYS A 96 19.78 1.86 -8.18
CA CYS A 96 18.84 0.72 -8.25
C CYS A 96 19.23 -0.27 -9.36
N GLU A 97 19.36 -1.54 -9.02
CA GLU A 97 19.77 -2.56 -10.01
C GLU A 97 18.71 -2.76 -11.12
N PHE A 98 17.44 -2.77 -10.74
CA PHE A 98 16.38 -2.93 -11.73
C PHE A 98 16.45 -1.79 -12.77
N LEU A 99 16.57 -0.57 -12.31
CA LEU A 99 16.68 0.58 -13.20
C LEU A 99 17.87 0.47 -14.15
N ILE A 100 19.03 0.16 -13.60
CA ILE A 100 20.26 0.06 -14.38
C ILE A 100 20.15 -1.03 -15.47
N ARG A 101 19.61 -2.18 -15.08
CA ARG A 101 19.42 -3.30 -16.02
C ARG A 101 18.32 -3.08 -17.09
N MET A 102 17.31 -2.30 -16.80
CA MET A 102 16.24 -2.07 -17.80
C MET A 102 16.60 -0.95 -18.77
N LYS A 103 17.13 0.15 -18.23
CA LYS A 103 17.37 1.39 -18.97
C LYS A 103 18.81 1.65 -19.30
N GLY A 104 19.74 1.04 -18.58
CA GLY A 104 21.18 1.19 -18.83
C GLY A 104 21.80 2.32 -18.03
N GLN A 105 23.05 2.13 -17.64
CA GLN A 105 23.84 3.12 -16.91
C GLN A 105 24.00 4.42 -17.69
N GLU A 106 24.07 4.34 -19.02
CA GLU A 106 24.16 5.54 -19.83
C GLU A 106 22.93 6.43 -19.60
N PHE A 107 21.75 5.82 -19.51
CA PHE A 107 20.54 6.58 -19.21
C PHE A 107 20.60 7.21 -17.83
N VAL A 108 21.03 6.43 -16.83
CA VAL A 108 21.08 6.91 -15.49
C VAL A 108 22.07 8.08 -15.38
N ASP A 109 23.20 7.97 -16.06
CA ASP A 109 24.19 9.08 -16.10
C ASP A 109 23.61 10.34 -16.76
N GLU A 110 22.87 10.16 -17.85
CA GLU A 110 22.18 11.27 -18.54
C GLU A 110 21.26 12.05 -17.59
N ILE A 111 20.38 11.34 -16.90
CA ILE A 111 19.46 11.98 -15.96
C ILE A 111 20.20 12.67 -14.83
N GLN A 112 21.12 11.94 -14.18
CA GLN A 112 21.95 12.51 -13.11
C GLN A 112 22.71 13.75 -13.60
N GLY A 113 23.12 13.75 -14.86
CA GLY A 113 23.84 14.90 -15.45
C GLY A 113 23.04 16.19 -15.57
N ARG A 114 21.71 16.11 -15.46
CA ARG A 114 20.86 17.31 -15.46
C ARG A 114 20.87 18.01 -14.11
N TYR A 115 20.62 17.24 -13.06
CA TYR A 115 20.37 17.77 -11.71
C TYR A 115 21.63 17.78 -10.85
N ASN B 26 -1.55 -7.36 1.51
CA ASN B 26 -1.46 -8.57 0.64
C ASN B 26 -2.52 -8.58 -0.48
N LEU B 27 -2.10 -9.02 -1.67
CA LEU B 27 -2.95 -9.02 -2.86
C LEU B 27 -4.06 -10.08 -2.83
N SER B 28 -3.78 -11.24 -2.24
CA SER B 28 -4.84 -12.24 -2.08
C SER B 28 -5.85 -11.84 -0.99
N MET B 29 -5.64 -10.70 -0.32
CA MET B 29 -6.50 -10.25 0.80
C MET B 29 -7.40 -9.05 0.44
N GLN B 30 -7.48 -8.74 -0.85
CA GLN B 30 -8.30 -7.62 -1.33
C GLN B 30 -9.82 -7.88 -1.21
N THR B 31 -10.23 -9.15 -1.16
CA THR B 31 -11.66 -9.49 -1.08
C THR B 31 -12.09 -9.75 0.36
N HIS B 32 -13.30 -9.31 0.71
CA HIS B 32 -13.89 -9.54 2.04
C HIS B 32 -13.92 -11.01 2.36
N ALA B 33 -14.30 -11.83 1.36
CA ALA B 33 -14.35 -13.28 1.52
C ALA B 33 -12.98 -13.86 1.89
N ALA B 34 -11.93 -13.40 1.21
CA ALA B 34 -10.58 -13.92 1.48
C ALA B 34 -10.10 -13.52 2.87
N ARG B 35 -10.43 -12.30 3.30
CA ARG B 35 -10.13 -11.87 4.65
C ARG B 35 -10.86 -12.75 5.67
N MET B 36 -12.14 -13.01 5.45
CA MET B 36 -12.92 -13.85 6.37
C MET B 36 -12.33 -15.23 6.59
N ARG B 37 -11.87 -15.86 5.52
CA ARG B 37 -11.22 -17.18 5.59
C ARG B 37 -9.99 -17.22 6.54
N THR B 38 -9.21 -16.13 6.60
CA THR B 38 -8.05 -16.06 7.49
C THR B 38 -8.39 -16.21 8.99
N PHE B 39 -9.64 -15.98 9.37
CA PHE B 39 -10.07 -16.11 10.75
C PHE B 39 -10.49 -17.53 11.18
N MET B 40 -10.12 -18.56 10.42
CA MET B 40 -10.33 -19.98 10.80
C MET B 40 -9.89 -20.33 12.22
N TYR B 41 -8.66 -19.92 12.54
CA TYR B 41 -7.98 -20.20 13.81
C TYR B 41 -7.88 -18.95 14.69
N TRP B 42 -8.79 -18.01 14.47
CA TRP B 42 -8.98 -16.86 15.36
C TRP B 42 -9.42 -17.34 16.72
N PRO B 43 -8.69 -16.95 17.78
CA PRO B 43 -9.08 -17.41 19.12
C PRO B 43 -10.49 -16.90 19.51
N SER B 44 -11.35 -17.81 19.98
CA SER B 44 -12.76 -17.49 20.28
C SER B 44 -12.95 -16.50 21.44
N SER B 45 -12.00 -16.46 22.36
CA SER B 45 -12.08 -15.57 23.50
C SER B 45 -11.76 -14.10 23.19
N VAL B 46 -11.21 -13.79 22.01
CA VAL B 46 -10.97 -12.39 21.65
C VAL B 46 -12.35 -11.73 21.51
N PRO B 47 -12.56 -10.55 22.13
CA PRO B 47 -13.94 -10.05 22.20
C PRO B 47 -14.43 -9.27 20.96
N VAL B 48 -13.60 -9.10 19.94
CA VAL B 48 -14.08 -8.54 18.67
C VAL B 48 -14.20 -9.65 17.63
N GLN B 49 -15.26 -9.60 16.81
CA GLN B 49 -15.55 -10.67 15.84
C GLN B 49 -14.90 -10.47 14.46
N PRO B 50 -14.62 -11.58 13.76
CA PRO B 50 -14.04 -11.58 12.41
C PRO B 50 -14.80 -10.70 11.42
N GLU B 51 -16.13 -10.87 11.40
CA GLU B 51 -17.01 -10.05 10.56
C GLU B 51 -16.71 -8.55 10.66
N GLN B 52 -16.55 -8.05 11.87
CA GLN B 52 -16.21 -6.64 12.10
C GLN B 52 -14.82 -6.32 11.55
N LEU B 53 -13.86 -7.22 11.75
CA LEU B 53 -12.49 -6.96 11.38
C LEU B 53 -12.33 -6.97 9.84
N ALA B 54 -12.85 -8.02 9.21
CA ALA B 54 -12.80 -8.20 7.77
C ALA B 54 -13.44 -7.04 6.99
N SER B 55 -14.58 -6.55 7.48
CA SER B 55 -15.28 -5.43 6.84
C SER B 55 -14.43 -4.14 6.90
N ALA B 56 -13.57 -4.02 7.91
CA ALA B 56 -12.73 -2.81 8.06
C ALA B 56 -11.38 -2.98 7.40
N GLY B 57 -11.23 -4.07 6.64
CA GLY B 57 -10.08 -4.27 5.76
C GLY B 57 -9.01 -5.17 6.37
N PHE B 58 -9.32 -5.77 7.50
CA PHE B 58 -8.34 -6.49 8.28
C PHE B 58 -8.41 -8.01 8.05
N TYR B 59 -7.24 -8.65 7.98
CA TYR B 59 -7.14 -10.11 7.94
C TYR B 59 -6.22 -10.57 9.07
N TYR B 60 -6.44 -11.81 9.50
CA TYR B 60 -5.69 -12.38 10.60
C TYR B 60 -4.32 -12.90 10.12
N VAL B 61 -3.24 -12.51 10.77
CA VAL B 61 -1.89 -12.97 10.36
C VAL B 61 -1.48 -14.32 10.97
N GLY B 62 -2.32 -14.89 11.83
CA GLY B 62 -2.11 -16.22 12.36
C GLY B 62 -1.40 -16.31 13.70
N ARG B 63 -1.14 -15.19 14.38
CA ARG B 63 -0.63 -15.27 15.75
C ARG B 63 -1.35 -14.30 16.70
N ASN B 64 -1.66 -14.81 17.90
CA ASN B 64 -2.39 -14.07 18.92
C ASN B 64 -3.68 -13.44 18.34
N ASP B 65 -3.83 -12.12 18.42
CA ASP B 65 -5.00 -11.47 17.85
C ASP B 65 -4.57 -10.37 16.84
N ASP B 66 -3.39 -10.56 16.26
CA ASP B 66 -2.79 -9.63 15.29
C ASP B 66 -3.48 -9.70 13.95
N VAL B 67 -3.92 -8.54 13.47
CA VAL B 67 -4.49 -8.39 12.16
C VAL B 67 -3.78 -7.28 11.40
N LYS B 68 -3.92 -7.31 10.07
CA LYS B 68 -3.40 -6.23 9.23
C LYS B 68 -4.37 -5.83 8.13
N CYS B 69 -4.25 -4.58 7.70
CA CYS B 69 -5.05 -4.10 6.61
C CYS B 69 -4.44 -4.54 5.27
N PHE B 70 -5.24 -5.13 4.40
CA PHE B 70 -4.78 -5.49 3.06
C PHE B 70 -4.22 -4.30 2.27
N CYS B 71 -4.72 -3.09 2.56
CA CYS B 71 -4.39 -1.90 1.75
C CYS B 71 -3.15 -1.14 2.26
N CYS B 72 -3.23 -0.63 3.48
CA CYS B 72 -2.18 0.23 4.05
C CYS B 72 -1.15 -0.57 4.82
N ASP B 73 -1.45 -1.85 5.06
CA ASP B 73 -0.56 -2.75 5.81
C ASP B 73 -0.41 -2.40 7.29
N GLY B 74 -1.32 -1.59 7.83
CA GLY B 74 -1.27 -1.21 9.25
C GLY B 74 -1.66 -2.37 10.14
N GLY B 75 -0.84 -2.66 11.15
CA GLY B 75 -1.09 -3.77 12.08
C GLY B 75 -1.79 -3.34 13.35
N LEU B 76 -2.81 -4.09 13.77
CA LEU B 76 -3.52 -3.84 15.03
C LEU B 76 -3.62 -5.14 15.86
N ARG B 77 -3.55 -4.97 17.17
CA ARG B 77 -3.60 -6.07 18.14
C ARG B 77 -4.20 -5.65 19.50
N CYS B 78 -4.34 -6.62 20.39
CA CYS B 78 -4.80 -6.39 21.77
C CYS B 78 -6.18 -5.78 21.80
N TRP B 79 -7.09 -6.42 21.08
CA TRP B 79 -8.47 -5.99 20.96
C TRP B 79 -9.17 -6.13 22.29
N GLU B 80 -9.59 -5.00 22.85
CA GLU B 80 -10.44 -4.97 24.04
C GLU B 80 -11.91 -4.94 23.66
N SER B 81 -12.76 -5.36 24.60
CA SER B 81 -14.20 -5.28 24.46
C SER B 81 -14.63 -3.83 24.19
N GLY B 82 -15.55 -3.64 23.24
CA GLY B 82 -16.00 -2.30 22.84
C GLY B 82 -15.18 -1.64 21.74
N ASP B 83 -13.98 -2.15 21.45
CA ASP B 83 -13.14 -1.59 20.37
C ASP B 83 -13.83 -1.66 19.02
N ASP B 84 -13.70 -0.59 18.22
CA ASP B 84 -14.34 -0.48 16.91
C ASP B 84 -13.28 -0.46 15.81
N PRO B 85 -13.25 -1.51 14.97
CA PRO B 85 -12.23 -1.66 13.95
C PRO B 85 -12.10 -0.46 13.02
N TRP B 86 -13.22 0.13 12.61
CA TRP B 86 -13.17 1.32 11.75
C TRP B 86 -12.55 2.52 12.45
N VAL B 87 -12.92 2.74 13.71
CA VAL B 87 -12.39 3.86 14.47
C VAL B 87 -10.88 3.65 14.67
N GLU B 88 -10.48 2.42 14.97
CA GLU B 88 -9.05 2.15 15.16
C GLU B 88 -8.26 2.32 13.85
N HIS B 89 -8.87 1.99 12.73
CA HIS B 89 -8.23 2.14 11.41
C HIS B 89 -7.96 3.62 11.17
N ALA B 90 -8.97 4.44 11.47
CA ALA B 90 -8.91 5.88 11.26
C ALA B 90 -8.02 6.57 12.30
N LYS B 91 -7.95 5.98 13.49
CA LYS B 91 -7.08 6.49 14.55
C LYS B 91 -5.59 6.33 14.22
N TRP B 92 -5.21 5.16 13.73
CA TRP B 92 -3.79 4.87 13.57
C TRP B 92 -3.28 4.99 12.15
N PHE B 93 -4.14 4.79 11.16
CA PHE B 93 -3.71 4.75 9.75
C PHE B 93 -4.63 5.67 8.92
N PRO B 94 -4.63 6.97 9.22
CA PRO B 94 -5.63 7.87 8.61
C PRO B 94 -5.49 8.09 7.09
N ARG B 95 -4.31 7.75 6.54
CA ARG B 95 -4.04 7.96 5.11
C ARG B 95 -4.39 6.74 4.26
N CYS B 96 -4.91 5.68 4.88
CA CYS B 96 -5.28 4.48 4.12
C CYS B 96 -6.41 4.77 3.12
N GLU B 97 -6.17 4.42 1.85
CA GLU B 97 -7.12 4.73 0.79
C GLU B 97 -8.38 3.84 0.84
N PHE B 98 -8.26 2.63 1.38
CA PHE B 98 -9.46 1.78 1.55
C PHE B 98 -10.41 2.42 2.57
N LEU B 99 -9.83 2.85 3.69
CA LEU B 99 -10.53 3.57 4.75
C LEU B 99 -11.27 4.78 4.19
N ILE B 100 -10.50 5.65 3.54
CA ILE B 100 -11.00 6.85 2.94
C ILE B 100 -12.15 6.56 1.97
N ARG B 101 -11.98 5.56 1.13
CA ARG B 101 -13.04 5.21 0.18
C ARG B 101 -14.32 4.69 0.83
N MET B 102 -14.18 3.90 1.89
CA MET B 102 -15.34 3.28 2.52
C MET B 102 -16.08 4.24 3.44
N LYS B 103 -15.32 5.05 4.17
CA LYS B 103 -15.87 5.88 5.24
C LYS B 103 -15.76 7.38 4.97
N GLY B 104 -14.87 7.79 4.07
CA GLY B 104 -14.79 9.19 3.63
C GLY B 104 -13.82 9.97 4.49
N GLN B 105 -13.17 10.96 3.89
CA GLN B 105 -12.24 11.82 4.62
C GLN B 105 -12.86 12.54 5.85
N GLU B 106 -14.14 12.90 5.79
CA GLU B 106 -14.81 13.57 6.90
C GLU B 106 -14.79 12.71 8.17
N PHE B 107 -15.16 11.43 8.03
CA PHE B 107 -15.07 10.47 9.15
C PHE B 107 -13.65 10.40 9.70
N VAL B 108 -12.67 10.35 8.81
CA VAL B 108 -11.29 10.18 9.23
C VAL B 108 -10.80 11.41 10.01
N ASP B 109 -11.14 12.60 9.53
CA ASP B 109 -10.78 13.86 10.19
C ASP B 109 -11.36 13.96 11.60
N GLU B 110 -12.62 13.58 11.75
CA GLU B 110 -13.27 13.67 13.03
C GLU B 110 -12.69 12.69 14.03
N ILE B 111 -12.27 11.51 13.57
CA ILE B 111 -11.54 10.58 14.44
C ILE B 111 -10.17 11.17 14.80
N GLN B 112 -9.56 11.94 13.89
CA GLN B 112 -8.30 12.61 14.18
C GLN B 112 -8.48 13.92 15.00
N GLY B 113 -9.72 14.22 15.38
CA GLY B 113 -10.04 15.41 16.18
C GLY B 113 -9.95 16.72 15.41
N ARG B 114 -10.27 16.67 14.11
CA ARG B 114 -10.42 17.88 13.29
C ARG B 114 -11.89 17.97 12.92
N TYR B 115 -12.54 19.07 13.32
CA TYR B 115 -13.97 19.27 13.15
C TYR B 115 -14.27 20.45 12.22
ZN ZN C . 14.39 1.10 -7.86
C1 2DX D . 7.51 11.74 -8.28
C2 2DX D . 7.52 13.04 -9.09
C3 2DX D . 7.09 14.27 -8.27
N5 2DX D . 6.88 15.39 -9.22
C6 2DX D . 6.28 16.62 -8.63
C7 2DX D . 8.17 14.55 -7.23
O8 2DX D . 9.20 15.14 -7.56
N9 2DX D . 7.98 14.15 -5.96
C10 2DX D . 8.96 14.38 -4.87
C12 2DX D . 8.42 15.41 -3.84
C13 2DX D . 8.03 16.72 -4.54
C14 2DX D . 7.61 17.78 -3.50
C15 2DX D . 6.43 17.27 -2.64
C16 2DX D . 6.78 15.92 -1.96
C17 2DX D . 7.22 14.88 -3.02
C18 2DX D . 9.27 13.03 -4.23
O19 2DX D . 8.50 12.09 -4.39
N20 2DX D . 10.39 12.82 -3.49
C21 2DX D . 11.37 13.92 -3.23
C22 2DX D . 12.78 13.38 -3.02
C24 2DX D . 13.74 14.40 -2.38
C25 2DX D . 14.69 13.52 -1.52
C26 2DX D . 14.16 12.06 -1.71
N27 2DX D . 12.73 12.26 -2.04
C28 2DX D . 12.06 11.09 -2.62
C29 2DX D . 10.56 11.47 -2.90
C31 2DX D . 9.79 11.37 -1.61
O32 2DX D . 9.47 12.37 -1.02
N33 2DX D . 9.44 10.16 -1.11
C34 2DX D . 8.70 9.99 0.13
C35 2DX D . 9.77 9.94 1.22
C36 2DX D . 9.25 9.23 2.48
O37 2DX D . 8.89 7.90 2.13
C38 2DX D . 8.04 7.72 1.09
C39 2DX D . 7.32 6.53 1.05
C40 2DX D . 6.45 6.33 -0.01
C41 2DX D . 6.30 7.30 -1.00
C42 2DX D . 7.03 8.47 -0.95
C43 2DX D . 7.92 8.70 0.09
ZN ZN E . -5.78 0.41 5.89
C1 2DX F . -6.81 -2.23 18.20
C2 2DX F . -7.46 -1.66 19.47
C3 2DX F . -6.54 -1.85 20.69
N5 2DX F . -7.24 -1.40 21.91
C6 2DX F . -6.50 -1.60 23.19
C7 2DX F . -5.28 -1.07 20.50
O8 2DX F . -5.26 0.10 20.77
N9 2DX F . -4.15 -1.67 20.05
C10 2DX F . -2.92 -0.91 19.87
C12 2DX F . -1.89 -1.29 20.95
C13 2DX F . -2.40 -0.86 22.34
C14 2DX F . -1.31 -1.20 23.38
C15 2DX F . -1.04 -2.71 23.42
C16 2DX F . -0.56 -3.19 22.05
C17 2DX F . -1.57 -2.79 20.94
C18 2DX F . -2.38 -1.24 18.49
O19 2DX F . -2.78 -2.26 17.96
N20 2DX F . -1.46 -0.44 17.88
C21 2DX F . -0.97 0.80 18.55
C22 2DX F . -0.54 1.87 17.55
C24 2DX F . 0.34 2.96 18.19
C25 2DX F . 1.18 3.49 17.00
C26 2DX F . 0.90 2.49 15.84
N27 2DX F . 0.36 1.29 16.53
C28 2DX F . -0.34 0.33 15.68
C29 2DX F . -0.95 -0.83 16.55
C31 2DX F . 0.15 -1.85 16.73
O32 2DX F . 0.51 -2.16 17.85
N33 2DX F . 0.71 -2.41 15.64
C34 2DX F . 1.78 -3.40 15.71
C35 2DX F . 3.03 -2.75 15.10
C36 2DX F . 4.01 -3.78 14.55
O37 2DX F . 3.33 -4.67 13.65
C38 2DX F . 2.13 -5.22 14.00
C39 2DX F . 1.71 -6.37 13.32
C40 2DX F . 0.50 -6.95 13.64
C41 2DX F . -0.29 -6.38 14.63
C42 2DX F . 0.13 -5.24 15.30
C43 2DX F . 1.34 -4.66 14.98
#